data_5TPI
#
_entry.id   5TPI
#
_cell.length_a   93.756
_cell.length_b   40.228
_cell.length_c   68.211
_cell.angle_alpha   90.00
_cell.angle_beta   129.41
_cell.angle_gamma   90.00
#
_symmetry.space_group_name_H-M   'C 1 2 1'
#
loop_
_entity.id
_entity.type
_entity.pdbx_description
1 polymer 'Putative transcriptional regulator (LysR family)'
2 non-polymer 'CHLORIDE ION'
3 non-polymer 'SODIUM ION'
4 water water
#
_entity_poly.entity_id   1
_entity_poly.type   'polypeptide(L)'
_entity_poly.pdbx_seq_one_letter_code
;SNADEPQGLFSLGSLESTAAVRIPSTLAHFNQRYPKIHLALSTGPSGTMIDGVLEGALSAAFVDGPLVHPGLEGLPVFPE
EMMIVAPYGHAPITRASEVNGANVYAFRANCSYRRHFESWFHADRATPGRIHEMESYHGMLACVIAGAGLALIPRSMLES
MPGHQQVSAWPLAEEWRWLTTWLVWRRGAKTRQLEAFIALLNEDRQTVVSP
;
_entity_poly.pdbx_strand_id   A
#
loop_
_chem_comp.id
_chem_comp.type
_chem_comp.name
_chem_comp.formula
CL non-polymer 'CHLORIDE ION' 'Cl -1'
NA non-polymer 'SODIUM ION' 'Na 1'
#
# COMPACT_ATOMS: atom_id res chain seq x y z
N GLN A 7 -3.38 25.19 20.37
CA GLN A 7 -3.60 24.25 19.24
C GLN A 7 -2.28 23.69 18.68
N GLY A 8 -2.21 22.36 18.53
CA GLY A 8 -1.01 21.67 18.05
C GLY A 8 -1.12 21.14 16.61
N LEU A 9 -0.03 20.57 16.13
CA LEU A 9 0.04 20.03 14.76
C LEU A 9 0.60 18.61 14.74
N PHE A 10 -0.13 17.70 14.12
CA PHE A 10 0.34 16.31 13.91
C PHE A 10 0.40 16.09 12.38
N SER A 11 1.60 16.01 11.82
CA SER A 11 1.81 15.88 10.39
C SER A 11 2.03 14.39 10.06
N LEU A 12 1.02 13.78 9.45
CA LEU A 12 1.02 12.37 9.16
C LEU A 12 1.14 12.12 7.65
N GLY A 13 2.16 11.37 7.26
CA GLY A 13 2.29 10.95 5.88
C GLY A 13 1.64 9.58 5.71
N SER A 14 1.19 9.29 4.50
CA SER A 14 0.62 7.98 4.21
C SER A 14 0.72 7.57 2.75
N LEU A 15 0.88 6.26 2.54
CA LEU A 15 0.73 5.69 1.20
C LEU A 15 -0.68 6.04 0.71
N GLU A 16 -0.80 6.23 -0.60
CA GLU A 16 -2.10 6.48 -1.25
C GLU A 16 -3.13 5.41 -0.87
N SER A 17 -2.74 4.15 -1.01
CA SER A 17 -3.68 3.04 -0.76
C SER A 17 -4.14 3.02 0.71
N THR A 18 -3.22 3.21 1.62
CA THR A 18 -3.54 3.23 3.03
C THR A 18 -4.53 4.35 3.36
N ALA A 19 -4.32 5.50 2.77
CA ALA A 19 -5.20 6.65 2.98
C ALA A 19 -6.59 6.44 2.39
N ALA A 20 -6.65 5.63 1.34
CA ALA A 20 -7.91 5.33 0.68
C ALA A 20 -8.80 4.37 1.44
N VAL A 21 -8.21 3.32 2.02
N VAL A 21 -8.23 3.35 2.07
CA VAL A 21 -9.01 2.21 2.57
CA VAL A 21 -9.07 2.30 2.64
C VAL A 21 -8.64 1.64 3.94
C VAL A 21 -8.78 1.83 4.06
N ARG A 22 -7.63 2.19 4.61
CA ARG A 22 -7.22 1.69 5.93
C ARG A 22 -7.40 2.68 7.05
N ILE A 23 -7.04 3.94 6.83
CA ILE A 23 -7.10 4.93 7.93
C ILE A 23 -8.27 5.94 8.02
N PRO A 24 -9.21 5.98 7.05
CA PRO A 24 -10.30 6.95 7.26
C PRO A 24 -10.97 6.94 8.65
N SER A 25 -11.34 5.77 9.17
CA SER A 25 -12.03 5.72 10.47
C SER A 25 -11.14 6.29 11.61
N THR A 26 -9.84 5.99 11.56
CA THR A 26 -8.90 6.46 12.59
C THR A 26 -8.69 7.97 12.47
N LEU A 27 -8.63 8.48 11.24
CA LEU A 27 -8.48 9.93 11.04
C LEU A 27 -9.67 10.70 11.62
N ALA A 28 -10.88 10.18 11.39
CA ALA A 28 -12.09 10.83 11.92
C ALA A 28 -12.09 10.77 13.44
N HIS A 29 -11.75 9.62 13.98
CA HIS A 29 -11.72 9.45 15.45
C HIS A 29 -10.70 10.42 16.06
N PHE A 30 -9.51 10.51 15.50
CA PHE A 30 -8.50 11.42 16.02
C PHE A 30 -8.95 12.87 15.95
N ASN A 31 -9.60 13.25 14.85
CA ASN A 31 -10.12 14.62 14.67
C ASN A 31 -11.10 14.99 15.78
N GLN A 32 -12.00 14.06 16.06
CA GLN A 32 -13.04 14.27 17.06
C GLN A 32 -12.52 14.16 18.50
N ARG A 33 -11.51 13.32 18.72
CA ARG A 33 -10.99 13.10 20.07
C ARG A 33 -10.12 14.27 20.53
N TYR A 34 -9.39 14.87 19.59
CA TYR A 34 -8.44 15.95 19.89
C TYR A 34 -8.76 17.18 19.05
N PRO A 35 -9.83 17.91 19.40
CA PRO A 35 -10.22 19.06 18.58
C PRO A 35 -9.19 20.18 18.48
N LYS A 36 -8.25 20.23 19.42
CA LYS A 36 -7.21 21.26 19.41
C LYS A 36 -5.92 20.81 18.70
N ILE A 37 -5.91 19.60 18.15
CA ILE A 37 -4.77 19.16 17.35
C ILE A 37 -5.18 19.23 15.88
N HIS A 38 -4.36 19.85 15.05
CA HIS A 38 -4.60 19.90 13.63
C HIS A 38 -3.86 18.73 12.98
N LEU A 39 -4.60 17.76 12.43
CA LEU A 39 -3.96 16.64 11.72
C LEU A 39 -3.77 17.03 10.24
N ALA A 40 -2.51 17.13 9.83
CA ALA A 40 -2.15 17.47 8.44
C ALA A 40 -1.75 16.18 7.73
N LEU A 41 -2.61 15.70 6.84
N LEU A 41 -2.61 15.70 6.85
CA LEU A 41 -2.41 14.43 6.13
CA LEU A 41 -2.33 14.49 6.13
C LEU A 41 -1.84 14.63 4.73
C LEU A 41 -1.71 14.79 4.78
N SER A 42 -0.68 14.02 4.45
CA SER A 42 -0.05 14.11 3.14
C SER A 42 0.17 12.70 2.62
N THR A 43 0.26 12.58 1.30
CA THR A 43 0.51 11.28 0.67
C THR A 43 1.72 11.38 -0.22
N GLY A 44 2.36 10.25 -0.43
CA GLY A 44 3.52 10.19 -1.30
C GLY A 44 4.18 8.82 -1.25
N PRO A 45 5.28 8.65 -2.00
CA PRO A 45 6.04 7.40 -1.96
C PRO A 45 6.76 7.19 -0.61
N SER A 46 6.97 5.94 -0.22
CA SER A 46 7.66 5.63 1.04
C SER A 46 8.99 6.33 1.21
N GLY A 47 9.81 6.35 0.18
CA GLY A 47 11.16 6.95 0.27
C GLY A 47 11.12 8.40 0.67
N THR A 48 10.21 9.14 0.01
CA THR A 48 10.03 10.57 0.26
C THR A 48 9.51 10.85 1.67
N MET A 49 8.55 10.02 2.11
N MET A 49 8.56 10.03 2.11
CA MET A 49 7.98 10.18 3.44
CA MET A 49 7.97 10.22 3.43
C MET A 49 8.99 9.90 4.50
C MET A 49 8.91 9.81 4.56
N ILE A 50 9.78 8.84 4.31
CA ILE A 50 10.81 8.47 5.29
C ILE A 50 11.77 9.66 5.43
N ASP A 51 12.15 10.26 4.31
CA ASP A 51 13.02 11.44 4.35
C ASP A 51 12.35 12.57 5.16
N GLY A 52 11.04 12.74 4.97
CA GLY A 52 10.29 13.78 5.69
C GLY A 52 10.25 13.52 7.19
N VAL A 53 10.07 12.25 7.56
CA VAL A 53 10.09 11.87 8.97
C VAL A 53 11.49 12.15 9.55
N LEU A 54 12.54 11.70 8.86
CA LEU A 54 13.91 11.92 9.33
C LEU A 54 14.30 13.40 9.48
N GLU A 55 13.78 14.23 8.58
CA GLU A 55 14.10 15.68 8.59
C GLU A 55 13.23 16.45 9.57
N GLY A 56 12.17 15.83 10.07
CA GLY A 56 11.26 16.52 11.00
C GLY A 56 10.05 17.19 10.34
N ALA A 57 9.92 17.06 9.01
CA ALA A 57 8.79 17.64 8.28
C ALA A 57 7.50 16.86 8.54
N LEU A 58 7.63 15.59 8.90
CA LEU A 58 6.50 14.75 9.25
C LEU A 58 6.69 14.19 10.65
N SER A 59 5.59 14.07 11.38
CA SER A 59 5.58 13.51 12.71
C SER A 59 5.71 11.98 12.65
N ALA A 60 5.08 11.41 11.64
CA ALA A 60 5.03 9.96 11.44
C ALA A 60 4.54 9.70 10.03
N ALA A 61 4.66 8.45 9.57
CA ALA A 61 4.15 8.08 8.26
C ALA A 61 3.83 6.60 8.14
N PHE A 62 2.78 6.31 7.36
CA PHE A 62 2.47 4.93 6.98
C PHE A 62 3.25 4.67 5.70
N VAL A 63 4.13 3.68 5.76
CA VAL A 63 5.08 3.35 4.69
C VAL A 63 5.15 1.85 4.44
N ASP A 64 5.79 1.49 3.33
CA ASP A 64 6.01 0.10 2.99
C ASP A 64 7.09 -0.50 3.89
N GLY A 65 6.86 -1.73 4.33
CA GLY A 65 7.87 -2.48 5.07
C GLY A 65 8.88 -3.08 4.08
N PRO A 66 9.95 -3.69 4.58
CA PRO A 66 10.25 -3.82 6.00
C PRO A 66 10.89 -2.55 6.58
N LEU A 67 10.97 -2.50 7.88
CA LEU A 67 11.61 -1.37 8.56
C LEU A 67 13.09 -1.69 8.66
N VAL A 68 13.94 -0.87 8.01
CA VAL A 68 15.39 -1.10 8.08
C VAL A 68 16.23 0.14 8.41
N HIS A 69 15.65 1.33 8.31
CA HIS A 69 16.45 2.54 8.54
C HIS A 69 16.66 2.75 10.05
N PRO A 70 17.92 2.86 10.52
CA PRO A 70 18.17 3.00 11.96
C PRO A 70 17.74 4.35 12.55
N GLY A 71 17.47 5.32 11.68
CA GLY A 71 16.93 6.60 12.11
C GLY A 71 15.47 6.53 12.49
N LEU A 72 14.83 5.41 12.22
CA LEU A 72 13.39 5.25 12.50
C LEU A 72 13.11 4.20 13.54
N GLU A 73 11.95 4.34 14.18
CA GLU A 73 11.34 3.25 14.94
C GLU A 73 9.96 3.08 14.30
N GLY A 74 9.30 1.97 14.59
CA GLY A 74 8.00 1.78 14.01
C GLY A 74 7.22 0.61 14.51
N LEU A 75 6.02 0.46 13.94
N LEU A 75 6.00 0.46 14.00
CA LEU A 75 5.04 -0.56 14.29
CA LEU A 75 5.13 -0.66 14.32
C LEU A 75 4.48 -1.19 13.02
C LEU A 75 4.56 -1.21 13.03
N PRO A 76 4.47 -2.55 12.92
CA PRO A 76 3.82 -3.16 11.76
C PRO A 76 2.32 -3.06 11.99
N VAL A 77 1.57 -2.55 11.01
CA VAL A 77 0.13 -2.27 11.25
C VAL A 77 -0.84 -3.02 10.36
N PHE A 78 -0.73 -2.85 9.04
CA PHE A 78 -1.75 -3.44 8.12
C PHE A 78 -1.18 -4.53 7.24
N PRO A 79 -1.82 -5.72 7.24
CA PRO A 79 -1.43 -6.74 6.31
C PRO A 79 -2.15 -6.49 4.99
N GLU A 80 -1.41 -6.49 3.88
CA GLU A 80 -2.02 -6.30 2.57
C GLU A 80 -1.82 -7.55 1.73
N GLU A 81 -2.94 -7.99 1.17
CA GLU A 81 -3.00 -9.22 0.36
C GLU A 81 -2.82 -8.78 -1.10
N MET A 82 -1.73 -9.22 -1.71
CA MET A 82 -1.37 -8.75 -3.04
C MET A 82 -2.09 -9.56 -4.11
N MET A 83 -2.93 -8.89 -4.91
CA MET A 83 -3.76 -9.53 -5.91
C MET A 83 -3.28 -9.23 -7.31
N ILE A 84 -3.14 -10.28 -8.13
CA ILE A 84 -2.87 -10.09 -9.54
C ILE A 84 -4.25 -9.88 -10.19
N VAL A 85 -4.37 -8.80 -10.96
CA VAL A 85 -5.63 -8.37 -11.55
C VAL A 85 -5.53 -8.50 -13.07
N ALA A 86 -6.53 -9.13 -13.68
CA ALA A 86 -6.55 -9.41 -15.11
C ALA A 86 -7.91 -9.05 -15.72
N PRO A 87 -7.97 -8.95 -17.07
CA PRO A 87 -9.25 -8.67 -17.72
C PRO A 87 -10.29 -9.73 -17.34
N TYR A 88 -11.55 -9.33 -17.36
CA TYR A 88 -12.65 -10.19 -16.91
C TYR A 88 -12.66 -11.63 -17.45
N GLY A 89 -12.89 -12.57 -16.53
CA GLY A 89 -13.03 -13.99 -16.86
C GLY A 89 -11.76 -14.78 -17.12
N HIS A 90 -10.61 -14.11 -17.02
CA HIS A 90 -9.30 -14.72 -17.25
C HIS A 90 -9.17 -15.91 -16.32
N ALA A 91 -8.50 -16.97 -16.75
CA ALA A 91 -8.30 -18.14 -15.88
C ALA A 91 -7.48 -17.75 -14.67
N PRO A 92 -7.74 -18.40 -13.51
CA PRO A 92 -6.91 -18.09 -12.35
C PRO A 92 -5.43 -18.20 -12.68
N ILE A 93 -4.68 -17.18 -12.25
CA ILE A 93 -3.26 -17.12 -12.45
C ILE A 93 -2.63 -17.61 -11.15
N THR A 94 -1.91 -18.72 -11.18
CA THR A 94 -1.27 -19.24 -9.97
C THR A 94 0.25 -19.18 -10.01
N ARG A 95 0.82 -18.98 -11.20
CA ARG A 95 2.26 -18.85 -11.34
CA ARG A 95 2.27 -18.88 -11.36
C ARG A 95 2.60 -17.97 -12.55
N ALA A 96 3.73 -17.28 -12.47
CA ALA A 96 4.10 -16.32 -13.51
C ALA A 96 4.35 -16.85 -14.92
N SER A 97 4.81 -18.09 -15.04
N SER A 97 4.82 -18.08 -15.05
CA SER A 97 5.04 -18.67 -16.36
CA SER A 97 5.04 -18.63 -16.39
C SER A 97 3.75 -18.66 -17.20
C SER A 97 3.74 -18.68 -17.21
N GLU A 98 2.60 -18.75 -16.52
CA GLU A 98 1.27 -18.76 -17.18
C GLU A 98 0.96 -17.44 -17.89
N VAL A 99 1.62 -16.34 -17.47
CA VAL A 99 1.43 -15.01 -18.05
C VAL A 99 2.76 -14.40 -18.49
N ASN A 100 3.69 -15.26 -18.85
CA ASN A 100 5.00 -14.81 -19.30
C ASN A 100 4.84 -13.85 -20.48
N GLY A 101 5.54 -12.71 -20.43
CA GLY A 101 5.52 -11.70 -21.51
C GLY A 101 4.36 -10.71 -21.44
N ALA A 102 3.48 -10.85 -20.45
CA ALA A 102 2.33 -9.96 -20.36
C ALA A 102 2.72 -8.52 -20.08
N ASN A 103 1.90 -7.60 -20.56
N ASN A 103 1.86 -7.61 -20.53
CA ASN A 103 2.13 -6.18 -20.25
CA ASN A 103 2.02 -6.19 -20.23
C ASN A 103 1.58 -5.94 -18.85
C ASN A 103 1.58 -5.99 -18.80
N VAL A 104 2.33 -5.19 -18.05
CA VAL A 104 2.01 -4.90 -16.63
C VAL A 104 1.86 -3.41 -16.39
N TYR A 105 0.90 -3.09 -15.52
CA TYR A 105 0.61 -1.72 -15.10
C TYR A 105 0.92 -1.62 -13.64
N ALA A 106 1.70 -0.62 -13.25
CA ALA A 106 2.14 -0.43 -11.86
C ALA A 106 1.87 0.98 -11.38
N PHE A 107 1.62 1.12 -10.08
CA PHE A 107 1.39 2.43 -9.44
C PHE A 107 2.76 3.05 -9.25
N ARG A 108 2.99 4.18 -9.94
CA ARG A 108 4.32 4.79 -9.97
C ARG A 108 4.91 5.04 -8.58
N ALA A 109 4.10 5.55 -7.67
CA ALA A 109 4.58 5.93 -6.36
C ALA A 109 4.99 4.76 -5.48
N ASN A 110 4.46 3.55 -5.72
CA ASN A 110 4.81 2.43 -4.87
C ASN A 110 5.82 1.52 -5.53
N CYS A 111 7.09 1.87 -5.35
N CYS A 111 7.08 1.88 -5.35
CA CYS A 111 8.21 1.10 -5.88
CA CYS A 111 8.21 1.13 -5.87
C CYS A 111 8.24 -0.30 -5.30
C CYS A 111 8.33 -0.27 -5.27
N SER A 112 7.93 -0.41 -4.00
CA SER A 112 7.99 -1.72 -3.34
C SER A 112 7.02 -2.71 -4.00
N TYR A 113 5.81 -2.25 -4.35
CA TYR A 113 4.84 -3.15 -4.99
C TYR A 113 5.28 -3.52 -6.41
N ARG A 114 5.91 -2.57 -7.11
CA ARG A 114 6.41 -2.85 -8.45
C ARG A 114 7.53 -3.91 -8.37
N ARG A 115 8.49 -3.68 -7.47
CA ARG A 115 9.61 -4.61 -7.30
C ARG A 115 9.11 -6.00 -6.89
N HIS A 116 8.07 -6.03 -6.06
CA HIS A 116 7.51 -7.28 -5.62
C HIS A 116 6.92 -8.05 -6.79
N PHE A 117 6.19 -7.35 -7.65
CA PHE A 117 5.56 -7.96 -8.82
C PHE A 117 6.63 -8.50 -9.76
N GLU A 118 7.66 -7.70 -10.02
CA GLU A 118 8.78 -8.13 -10.86
C GLU A 118 9.44 -9.39 -10.31
N SER A 119 9.73 -9.37 -9.02
N SER A 119 9.73 -9.39 -9.01
CA SER A 119 10.36 -10.51 -8.34
CA SER A 119 10.38 -10.53 -8.36
C SER A 119 9.51 -11.78 -8.45
C SER A 119 9.51 -11.78 -8.40
N TRP A 120 8.19 -11.61 -8.39
CA TRP A 120 7.27 -12.76 -8.53
C TRP A 120 7.42 -13.40 -9.93
N PHE A 121 7.53 -12.57 -10.97
CA PHE A 121 7.79 -13.08 -12.32
C PHE A 121 9.12 -13.83 -12.36
N HIS A 122 10.15 -13.17 -11.88
CA HIS A 122 11.52 -13.72 -11.95
C HIS A 122 11.70 -15.04 -11.20
N ALA A 123 10.95 -15.21 -10.12
CA ALA A 123 11.00 -16.44 -9.34
C ALA A 123 10.57 -17.67 -10.14
N ASP A 124 9.73 -17.47 -11.16
CA ASP A 124 9.26 -18.56 -11.99
C ASP A 124 9.95 -18.51 -13.36
N ARG A 125 11.10 -17.83 -13.42
CA ARG A 125 11.86 -17.70 -14.65
C ARG A 125 11.00 -17.13 -15.80
N ALA A 126 10.15 -16.17 -15.41
CA ALA A 126 9.28 -15.45 -16.32
C ALA A 126 9.57 -13.96 -16.23
N THR A 127 8.97 -13.20 -17.14
CA THR A 127 9.15 -11.74 -17.18
C THR A 127 7.93 -11.05 -17.75
N PRO A 128 7.64 -9.82 -17.29
CA PRO A 128 6.63 -9.02 -17.97
C PRO A 128 7.20 -8.53 -19.31
N GLY A 129 6.33 -8.35 -20.30
CA GLY A 129 6.72 -7.82 -21.62
C GLY A 129 7.22 -6.39 -21.52
N ARG A 130 6.56 -5.62 -20.67
CA ARG A 130 6.97 -4.26 -20.31
C ARG A 130 6.16 -3.80 -19.11
N ILE A 131 6.65 -2.78 -18.42
CA ILE A 131 5.97 -2.22 -17.26
C ILE A 131 5.60 -0.77 -17.56
N HIS A 132 4.31 -0.45 -17.39
CA HIS A 132 3.80 0.89 -17.60
C HIS A 132 3.50 1.50 -16.24
N GLU A 133 4.18 2.60 -15.91
CA GLU A 133 3.99 3.30 -14.62
C GLU A 133 2.78 4.20 -14.74
N MET A 134 1.88 4.14 -13.75
N MET A 134 1.87 4.14 -13.77
CA MET A 134 0.62 4.89 -13.75
CA MET A 134 0.68 4.98 -13.80
C MET A 134 0.51 5.79 -12.53
C MET A 134 0.54 5.81 -12.56
N GLU A 135 -0.13 6.94 -12.72
CA GLU A 135 -0.30 7.94 -11.64
C GLU A 135 -1.45 7.66 -10.70
N SER A 136 -2.35 6.72 -11.03
CA SER A 136 -3.46 6.44 -10.12
C SER A 136 -3.90 5.00 -10.19
N TYR A 137 -4.41 4.51 -9.08
CA TYR A 137 -4.95 3.15 -9.02
C TYR A 137 -6.16 3.01 -9.94
N HIS A 138 -7.01 4.04 -10.02
CA HIS A 138 -8.19 3.96 -10.89
C HIS A 138 -7.81 3.84 -12.37
N GLY A 139 -6.78 4.57 -12.77
CA GLY A 139 -6.26 4.54 -14.13
C GLY A 139 -5.62 3.21 -14.45
N MET A 140 -4.87 2.69 -13.49
N MET A 140 -4.84 2.67 -13.52
CA MET A 140 -4.23 1.39 -13.62
CA MET A 140 -4.25 1.34 -13.68
C MET A 140 -5.28 0.30 -13.83
C MET A 140 -5.33 0.32 -13.89
N LEU A 141 -6.32 0.34 -13.00
CA LEU A 141 -7.40 -0.63 -13.07
C LEU A 141 -8.17 -0.50 -14.38
N ALA A 142 -8.39 0.73 -14.85
CA ALA A 142 -9.09 0.93 -16.11
C ALA A 142 -8.32 0.31 -17.28
N CYS A 143 -6.99 0.38 -17.26
CA CYS A 143 -6.21 -0.25 -18.32
C CYS A 143 -6.39 -1.77 -18.34
N VAL A 144 -6.42 -2.37 -17.14
CA VAL A 144 -6.66 -3.81 -17.05
C VAL A 144 -8.08 -4.15 -17.54
N ILE A 145 -9.07 -3.37 -17.10
CA ILE A 145 -10.45 -3.58 -17.53
C ILE A 145 -10.55 -3.55 -19.07
N ALA A 146 -9.83 -2.60 -19.67
CA ALA A 146 -9.82 -2.41 -21.12
C ALA A 146 -9.11 -3.50 -21.89
N GLY A 147 -8.51 -4.47 -21.17
CA GLY A 147 -7.82 -5.61 -21.77
C GLY A 147 -6.36 -5.41 -22.09
N ALA A 148 -5.74 -4.35 -21.54
CA ALA A 148 -4.37 -4.01 -21.94
C ALA A 148 -3.24 -4.76 -21.23
N GLY A 149 -3.52 -5.40 -20.10
CA GLY A 149 -2.52 -6.10 -19.35
C GLY A 149 -2.98 -6.47 -17.94
N LEU A 150 -2.00 -6.67 -17.07
CA LEU A 150 -2.21 -7.10 -15.68
C LEU A 150 -1.68 -6.04 -14.70
N ALA A 151 -2.16 -6.10 -13.46
CA ALA A 151 -1.67 -5.22 -12.41
C ALA A 151 -1.60 -5.96 -11.09
N LEU A 152 -0.82 -5.43 -10.17
CA LEU A 152 -0.72 -5.95 -8.80
C LEU A 152 -1.28 -4.89 -7.86
N ILE A 153 -2.35 -5.23 -7.13
CA ILE A 153 -3.05 -4.28 -6.29
C ILE A 153 -3.44 -4.95 -4.97
N PRO A 154 -3.27 -4.27 -3.82
CA PRO A 154 -3.75 -4.88 -2.56
C PRO A 154 -5.24 -5.10 -2.62
N ARG A 155 -5.69 -6.22 -2.03
CA ARG A 155 -7.12 -6.57 -2.04
C ARG A 155 -7.97 -5.45 -1.48
N SER A 156 -7.50 -4.84 -0.39
CA SER A 156 -8.27 -3.78 0.31
C SER A 156 -8.55 -2.60 -0.64
N MET A 157 -7.52 -2.23 -1.42
CA MET A 157 -7.65 -1.16 -2.38
C MET A 157 -8.54 -1.59 -3.56
N LEU A 158 -8.24 -2.76 -4.12
CA LEU A 158 -8.98 -3.28 -5.27
C LEU A 158 -10.48 -3.31 -5.05
N GLU A 159 -10.87 -3.92 -3.93
CA GLU A 159 -12.29 -4.13 -3.65
C GLU A 159 -13.07 -2.86 -3.33
N SER A 160 -12.36 -1.77 -3.07
CA SER A 160 -13.00 -0.48 -2.86
C SER A 160 -13.36 0.25 -4.16
N MET A 161 -12.75 -0.16 -5.28
N MET A 161 -12.80 -0.20 -5.28
CA MET A 161 -12.94 0.51 -6.59
CA MET A 161 -12.98 0.47 -6.56
C MET A 161 -14.05 -0.16 -7.40
C MET A 161 -14.10 -0.19 -7.36
N PRO A 162 -15.01 0.61 -7.95
CA PRO A 162 -16.13 0.02 -8.71
C PRO A 162 -15.71 -0.95 -9.81
N GLY A 163 -14.60 -0.61 -10.46
CA GLY A 163 -14.06 -1.42 -11.54
C GLY A 163 -13.67 -2.84 -11.18
N HIS A 164 -13.60 -3.14 -9.88
CA HIS A 164 -13.25 -4.50 -9.49
C HIS A 164 -14.28 -5.50 -10.04
N GLN A 165 -15.51 -5.03 -10.28
CA GLN A 165 -16.56 -5.89 -10.86
C GLN A 165 -16.26 -6.27 -12.33
N GLN A 166 -15.36 -5.55 -12.97
N GLN A 166 -15.35 -5.54 -12.96
CA GLN A 166 -15.01 -5.77 -14.39
CA GLN A 166 -15.00 -5.76 -14.38
C GLN A 166 -13.65 -6.44 -14.61
C GLN A 166 -13.65 -6.44 -14.61
N VAL A 167 -13.06 -6.99 -13.55
CA VAL A 167 -11.78 -7.70 -13.64
C VAL A 167 -11.89 -9.03 -12.93
N SER A 168 -10.92 -9.91 -13.17
CA SER A 168 -10.77 -11.15 -12.39
C SER A 168 -9.47 -11.01 -11.62
N ALA A 169 -9.49 -11.38 -10.35
CA ALA A 169 -8.30 -11.21 -9.50
C ALA A 169 -8.07 -12.40 -8.59
N TRP A 170 -6.80 -12.68 -8.34
CA TRP A 170 -6.39 -13.79 -7.48
C TRP A 170 -5.20 -13.38 -6.66
N PRO A 171 -5.10 -13.90 -5.43
CA PRO A 171 -3.91 -13.58 -4.67
C PRO A 171 -2.67 -14.25 -5.23
N LEU A 172 -1.52 -13.59 -5.08
CA LEU A 172 -0.25 -14.24 -5.39
C LEU A 172 -0.06 -15.45 -4.43
N ALA A 173 0.77 -16.41 -4.86
CA ALA A 173 1.07 -17.62 -4.09
C ALA A 173 1.87 -17.31 -2.84
N GLU A 174 1.71 -18.17 -1.84
CA GLU A 174 2.16 -17.89 -0.48
C GLU A 174 3.31 -16.97 -0.15
N GLU A 175 4.56 -17.24 -0.53
CA GLU A 175 5.61 -16.29 -0.07
C GLU A 175 5.47 -14.87 -0.65
N TRP A 176 4.66 -14.73 -1.69
CA TRP A 176 4.42 -13.44 -2.34
C TRP A 176 3.06 -12.81 -2.00
N ARG A 177 2.26 -13.51 -1.20
CA ARG A 177 0.89 -13.11 -0.98
C ARG A 177 0.69 -11.89 -0.07
N TRP A 178 1.52 -11.75 0.96
CA TRP A 178 1.31 -10.73 1.98
C TRP A 178 2.47 -9.74 2.16
N LEU A 179 2.13 -8.47 2.24
N LEU A 179 2.11 -8.45 2.23
CA LEU A 179 3.10 -7.44 2.58
CA LEU A 179 3.03 -7.34 2.46
C LEU A 179 2.55 -6.76 3.83
C LEU A 179 2.46 -6.39 3.53
N THR A 180 3.35 -5.89 4.44
N THR A 180 3.28 -6.07 4.52
CA THR A 180 2.96 -5.23 5.67
CA THR A 180 2.82 -5.24 5.61
C THR A 180 3.24 -3.74 5.58
C THR A 180 3.17 -3.77 5.45
N THR A 181 2.23 -2.93 5.86
CA THR A 181 2.39 -1.47 5.94
C THR A 181 2.69 -1.13 7.40
N TRP A 182 3.74 -0.33 7.59
CA TRP A 182 4.22 0.08 8.90
C TRP A 182 3.91 1.54 9.19
N LEU A 183 3.74 1.85 10.47
CA LEU A 183 3.72 3.24 10.95
C LEU A 183 5.13 3.49 11.48
N VAL A 184 5.79 4.54 10.99
CA VAL A 184 7.15 4.87 11.41
C VAL A 184 7.28 6.31 11.90
N TRP A 185 8.27 6.54 12.76
CA TRP A 185 8.55 7.86 13.34
C TRP A 185 10.05 7.94 13.61
N ARG A 186 10.50 9.15 13.97
N ARG A 186 10.54 9.15 13.90
CA ARG A 186 11.91 9.40 14.24
CA ARG A 186 11.97 9.32 14.11
C ARG A 186 12.32 8.66 15.51
C ARG A 186 12.36 8.72 15.47
N ARG A 187 13.44 7.94 15.46
CA ARG A 187 13.91 7.23 16.63
C ARG A 187 14.08 8.16 17.84
N GLY A 188 13.46 7.72 18.94
CA GLY A 188 13.47 8.45 20.20
C GLY A 188 12.12 8.31 20.88
N ALA A 189 12.01 8.90 22.06
CA ALA A 189 10.75 8.87 22.79
C ALA A 189 9.63 9.43 21.91
N LYS A 190 8.50 8.75 21.89
CA LYS A 190 7.35 9.23 21.10
C LYS A 190 6.78 10.46 21.76
N THR A 191 6.20 11.36 20.96
CA THR A 191 5.52 12.53 21.51
C THR A 191 4.18 12.09 22.08
N ARG A 192 3.57 12.95 22.87
CA ARG A 192 2.23 12.66 23.41
C ARG A 192 1.21 12.48 22.29
N GLN A 193 1.28 13.33 21.26
CA GLN A 193 0.36 13.24 20.12
C GLN A 193 0.50 11.90 19.38
N LEU A 194 1.74 11.45 19.17
CA LEU A 194 1.95 10.18 18.47
C LEU A 194 1.43 9.04 19.33
N GLU A 195 1.72 9.07 20.64
CA GLU A 195 1.19 8.03 21.54
C GLU A 195 -0.33 7.99 21.47
N ALA A 196 -0.93 9.18 21.45
CA ALA A 196 -2.39 9.30 21.38
C ALA A 196 -2.92 8.71 20.07
N PHE A 197 -2.25 9.01 18.96
CA PHE A 197 -2.65 8.48 17.66
C PHE A 197 -2.56 6.95 17.63
N ILE A 198 -1.46 6.40 18.14
CA ILE A 198 -1.26 4.94 18.20
C ILE A 198 -2.34 4.27 19.05
N ALA A 199 -2.71 4.89 20.16
CA ALA A 199 -3.78 4.34 21.00
C ALA A 199 -5.08 4.18 20.22
N LEU A 200 -5.47 5.21 19.45
CA LEU A 200 -6.72 5.16 18.67
C LEU A 200 -6.62 4.17 17.51
N LEU A 201 -5.41 4.09 16.95
CA LEU A 201 -5.15 3.19 15.84
C LEU A 201 -5.29 1.74 16.31
N ASN A 202 -4.75 1.45 17.49
CA ASN A 202 -4.74 0.08 18.06
C ASN A 202 -6.12 -0.48 18.34
N GLU A 203 -7.08 0.41 18.61
CA GLU A 203 -8.47 0.04 18.83
C GLU A 203 -9.13 -0.47 17.55
N ASP A 204 -8.41 -0.41 16.43
CA ASP A 204 -8.91 -0.83 15.12
C ASP A 204 -8.12 -1.99 14.52
N ARG A 205 -6.78 -1.91 14.56
CA ARG A 205 -5.94 -2.96 13.94
C ARG A 205 -6.09 -4.37 14.58
N GLN A 206 -6.79 -4.45 15.72
CA GLN A 206 -7.14 -5.76 16.27
C GLN A 206 -8.16 -6.40 15.32
N THR A 207 -9.10 -5.57 14.84
CA THR A 207 -10.12 -6.02 13.88
C THR A 207 -9.49 -6.38 12.52
N VAL A 208 -8.49 -5.61 12.09
CA VAL A 208 -7.83 -5.84 10.80
C VAL A 208 -7.04 -7.15 10.76
N VAL A 209 -6.35 -7.48 11.85
CA VAL A 209 -5.50 -8.69 11.93
C VAL A 209 -6.28 -9.94 12.39
N SER A 210 -7.20 -9.78 13.33
CA SER A 210 -7.99 -10.91 13.85
C SER A 210 -8.95 -11.46 12.79
N PRO A 211 -9.38 -12.74 12.94
CA PRO A 211 -10.29 -13.33 11.95
C PRO A 211 -11.74 -12.83 12.07
CL CL B . 0.22 2.77 -2.37
CL CL C . 7.66 -6.00 6.47
CL CL C . 7.10 -6.43 7.44
NA NA D . -16.29 1.66 -3.24
NA NA E . -8.38 19.58 14.00
#